data_2M1A
#
_entry.id   2M1A
#
_entity_poly.entity_id   1
_entity_poly.type   'polypeptide(L)'
_entity_poly.pdbx_seq_one_letter_code
;GAMATRQARRNRRRRWRERQRAAAAR
;
_entity_poly.pdbx_strand_id   A
#
# COMPACT_ATOMS: atom_id res chain seq x y z
N GLY A 1 13.37 -10.57 6.75
CA GLY A 1 13.13 -11.96 6.38
C GLY A 1 12.89 -12.12 4.88
N ALA A 2 12.78 -13.37 4.44
CA ALA A 2 12.55 -13.66 3.03
C ALA A 2 11.10 -13.39 2.64
N MET A 3 10.18 -13.77 3.52
CA MET A 3 8.76 -13.57 3.26
C MET A 3 8.36 -12.12 3.50
N ALA A 4 9.11 -11.44 4.35
CA ALA A 4 8.84 -10.03 4.66
C ALA A 4 8.77 -9.21 3.38
N THR A 5 9.59 -9.56 2.40
CA THR A 5 9.61 -8.85 1.13
C THR A 5 8.38 -9.16 0.30
N ARG A 6 7.93 -10.40 0.36
CA ARG A 6 6.75 -10.84 -0.39
C ARG A 6 5.53 -10.01 0.00
N GLN A 7 5.17 -10.07 1.28
CA GLN A 7 4.02 -9.33 1.78
C GLN A 7 4.25 -7.83 1.68
N ALA A 8 5.52 -7.42 1.71
CA ALA A 8 5.87 -6.01 1.63
C ALA A 8 5.42 -5.41 0.30
N ARG A 9 5.59 -6.17 -0.77
CA ARG A 9 5.21 -5.72 -2.11
C ARG A 9 3.76 -5.26 -2.12
N ARG A 10 2.94 -5.84 -1.25
CA ARG A 10 1.53 -5.48 -1.16
C ARG A 10 1.33 -4.26 -0.26
N ASN A 11 2.24 -4.08 0.69
CA ASN A 11 2.16 -2.96 1.62
C ASN A 11 2.35 -1.64 0.88
N ARG A 12 3.34 -1.59 0.00
CA ARG A 12 3.64 -0.39 -0.76
C ARG A 12 2.47 -0.05 -1.71
N ARG A 13 1.84 -1.08 -2.25
CA ARG A 13 0.72 -0.89 -3.16
C ARG A 13 -0.52 -0.41 -2.41
N ARG A 14 -0.69 -0.91 -1.19
CA ARG A 14 -1.84 -0.53 -0.36
C ARG A 14 -1.66 0.88 0.20
N ARG A 15 -0.44 1.19 0.62
CA ARG A 15 -0.14 2.50 1.18
C ARG A 15 -0.58 3.61 0.23
N TRP A 16 -0.41 3.37 -1.06
CA TRP A 16 -0.79 4.35 -2.08
C TRP A 16 -2.29 4.33 -2.32
N ARG A 17 -2.89 3.15 -2.16
CA ARG A 17 -4.33 3.00 -2.36
C ARG A 17 -5.12 3.89 -1.42
N GLU A 18 -4.87 3.74 -0.13
CA GLU A 18 -5.56 4.54 0.89
C GLU A 18 -5.20 6.01 0.75
N ARG A 19 -3.99 6.27 0.25
CA ARG A 19 -3.51 7.65 0.08
C ARG A 19 -4.37 8.39 -0.93
N GLN A 20 -4.83 7.67 -1.95
CA GLN A 20 -5.67 8.26 -3.00
C GLN A 20 -7.02 8.67 -2.45
N ARG A 21 -7.45 8.00 -1.39
CA ARG A 21 -8.74 8.29 -0.76
C ARG A 21 -8.86 9.78 -0.44
N ALA A 22 -7.73 10.41 -0.17
CA ALA A 22 -7.71 11.83 0.16
C ALA A 22 -8.14 12.68 -1.03
N ALA A 23 -7.70 12.29 -2.22
CA ALA A 23 -8.04 13.00 -3.44
C ALA A 23 -9.39 12.53 -3.99
N ALA A 24 -9.51 11.23 -4.19
CA ALA A 24 -10.75 10.65 -4.71
C ALA A 24 -11.93 11.01 -3.83
N ALA A 25 -11.73 10.94 -2.52
CA ALA A 25 -12.79 11.27 -1.57
C ALA A 25 -12.43 12.50 -0.74
N ARG A 26 -13.38 13.42 -0.63
CA ARG A 26 -13.16 14.65 0.15
C ARG A 26 -13.42 14.41 1.62
N GLY A 1 12.73 -13.24 6.15
CA GLY A 1 13.60 -13.01 5.01
C GLY A 1 12.83 -12.81 3.72
N ALA A 2 12.86 -13.81 2.85
CA ALA A 2 12.16 -13.75 1.57
C ALA A 2 10.65 -13.65 1.78
N MET A 3 10.17 -14.18 2.90
CA MET A 3 8.75 -14.14 3.22
C MET A 3 8.33 -12.76 3.71
N ALA A 4 9.28 -12.03 4.28
CA ALA A 4 9.01 -10.69 4.78
C ALA A 4 8.78 -9.71 3.64
N THR A 5 9.50 -9.91 2.54
CA THR A 5 9.38 -9.05 1.37
C THR A 5 8.05 -9.26 0.67
N ARG A 6 7.49 -10.46 0.81
CA ARG A 6 6.21 -10.79 0.19
C ARG A 6 5.15 -9.75 0.53
N GLN A 7 4.89 -9.57 1.82
CA GLN A 7 3.90 -8.61 2.28
C GLN A 7 4.42 -7.18 2.13
N ALA A 8 5.74 -7.02 2.16
CA ALA A 8 6.36 -5.71 2.02
C ALA A 8 5.92 -5.03 0.73
N ARG A 9 6.06 -5.74 -0.38
CA ARG A 9 5.67 -5.21 -1.69
C ARG A 9 4.18 -4.95 -1.76
N ARG A 10 3.41 -5.72 -0.99
CA ARG A 10 1.97 -5.59 -0.96
C ARG A 10 1.55 -4.34 -0.17
N ASN A 11 2.38 -3.96 0.80
CA ASN A 11 2.10 -2.79 1.62
C ASN A 11 2.36 -1.51 0.85
N ARG A 12 3.47 -1.47 0.11
CA ARG A 12 3.82 -0.30 -0.68
C ARG A 12 2.69 0.09 -1.61
N ARG A 13 2.13 -0.89 -2.30
CA ARG A 13 1.03 -0.64 -3.24
C ARG A 13 -0.24 -0.31 -2.49
N ARG A 14 -0.36 -0.81 -1.26
CA ARG A 14 -1.54 -0.56 -0.45
C ARG A 14 -1.61 0.90 0.00
N ARG A 15 -0.49 1.41 0.50
CA ARG A 15 -0.42 2.80 0.95
C ARG A 15 -0.82 3.75 -0.16
N TRP A 16 -0.59 3.34 -1.41
CA TRP A 16 -0.93 4.16 -2.56
C TRP A 16 -2.44 4.25 -2.74
N ARG A 17 -3.14 3.18 -2.35
CA ARG A 17 -4.60 3.15 -2.47
C ARG A 17 -5.26 4.00 -1.39
N GLU A 18 -4.94 3.70 -0.14
CA GLU A 18 -5.51 4.43 0.99
C GLU A 18 -5.17 5.92 0.89
N ARG A 19 -4.04 6.22 0.27
CA ARG A 19 -3.60 7.61 0.11
C ARG A 19 -4.45 8.33 -0.93
N GLN A 20 -4.95 7.58 -1.90
CA GLN A 20 -5.77 8.16 -2.96
C GLN A 20 -7.14 8.57 -2.42
N ARG A 21 -7.56 7.91 -1.35
CA ARG A 21 -8.85 8.21 -0.73
C ARG A 21 -8.98 9.70 -0.43
N ALA A 22 -7.84 10.35 -0.17
CA ALA A 22 -7.83 11.78 0.13
C ALA A 22 -8.18 12.60 -1.12
N ALA A 23 -7.72 12.14 -2.27
CA ALA A 23 -7.99 12.84 -3.53
C ALA A 23 -9.34 12.44 -4.09
N ALA A 24 -9.56 11.13 -4.25
CA ALA A 24 -10.82 10.62 -4.77
C ALA A 24 -11.99 11.04 -3.88
N ALA A 25 -11.81 10.91 -2.57
CA ALA A 25 -12.85 11.27 -1.62
C ALA A 25 -12.52 12.58 -0.91
N ARG A 26 -13.38 13.57 -1.08
CA ARG A 26 -13.18 14.88 -0.47
C ARG A 26 -13.57 14.83 1.02
N GLY A 1 12.35 -11.29 6.34
CA GLY A 1 11.99 -12.68 6.15
C GLY A 1 11.37 -12.94 4.78
N ALA A 2 11.26 -14.22 4.42
CA ALA A 2 10.69 -14.59 3.14
C ALA A 2 9.26 -14.08 3.00
N MET A 3 8.54 -14.04 4.13
CA MET A 3 7.16 -13.58 4.13
C MET A 3 7.10 -12.06 4.17
N ALA A 4 8.14 -11.44 4.73
CA ALA A 4 8.20 -9.99 4.83
C ALA A 4 8.56 -9.36 3.48
N THR A 5 9.61 -9.89 2.86
CA THR A 5 10.06 -9.39 1.57
C THR A 5 8.95 -9.46 0.53
N ARG A 6 8.09 -10.46 0.67
CA ARG A 6 6.98 -10.66 -0.26
C ARG A 6 5.85 -9.67 0.03
N GLN A 7 5.32 -9.72 1.24
CA GLN A 7 4.24 -8.83 1.63
C GLN A 7 4.64 -7.36 1.47
N ALA A 8 5.94 -7.11 1.54
CA ALA A 8 6.46 -5.75 1.39
C ALA A 8 5.98 -5.13 0.08
N ARG A 9 5.78 -5.95 -0.93
CA ARG A 9 5.32 -5.48 -2.23
C ARG A 9 3.85 -5.10 -2.19
N ARG A 10 3.10 -5.75 -1.28
CA ARG A 10 1.68 -5.48 -1.14
C ARG A 10 1.44 -4.24 -0.27
N ASN A 11 2.36 -4.00 0.66
CA ASN A 11 2.25 -2.86 1.56
C ASN A 11 2.79 -1.59 0.89
N ARG A 12 3.73 -1.77 -0.01
CA ARG A 12 4.34 -0.64 -0.72
C ARG A 12 3.35 -0.03 -1.71
N ARG A 13 2.57 -0.90 -2.36
CA ARG A 13 1.58 -0.44 -3.33
C ARG A 13 0.35 0.14 -2.63
N ARG A 14 -0.05 -0.49 -1.53
CA ARG A 14 -1.21 -0.04 -0.77
C ARG A 14 -1.06 1.43 -0.37
N ARG A 15 0.18 1.85 -0.15
CA ARG A 15 0.46 3.23 0.24
C ARG A 15 -0.18 4.21 -0.74
N TRP A 16 0.00 3.95 -2.03
CA TRP A 16 -0.55 4.82 -3.07
C TRP A 16 -2.09 4.79 -3.04
N ARG A 17 -2.65 3.59 -2.92
CA ARG A 17 -4.10 3.43 -2.87
C ARG A 17 -4.69 4.21 -1.71
N GLU A 18 -4.03 4.16 -0.56
CA GLU A 18 -4.50 4.86 0.63
C GLU A 18 -4.39 6.37 0.44
N ARG A 19 -3.35 6.81 -0.25
CA ARG A 19 -3.14 8.24 -0.50
C ARG A 19 -4.25 8.81 -1.38
N GLN A 20 -4.85 7.94 -2.20
CA GLN A 20 -5.93 8.36 -3.09
C GLN A 20 -7.23 8.52 -2.32
N ARG A 21 -7.36 7.79 -1.22
CA ARG A 21 -8.57 7.85 -0.40
C ARG A 21 -8.90 9.29 -0.02
N ALA A 22 -7.87 10.12 0.08
CA ALA A 22 -8.05 11.53 0.43
C ALA A 22 -8.76 12.28 -0.68
N ALA A 23 -8.44 11.96 -1.93
CA ALA A 23 -9.05 12.61 -3.07
C ALA A 23 -10.38 11.94 -3.44
N ALA A 24 -10.33 10.63 -3.64
CA ALA A 24 -11.53 9.87 -3.98
C ALA A 24 -12.59 9.98 -2.90
N ALA A 25 -12.15 9.88 -1.65
CA ALA A 25 -13.07 9.96 -0.51
C ALA A 25 -12.88 11.27 0.23
N ARG A 26 -13.97 12.02 0.40
CA ARG A 26 -13.93 13.30 1.10
C ARG A 26 -14.46 13.16 2.53
N GLY A 1 14.11 -13.01 6.54
CA GLY A 1 13.62 -11.66 6.33
C GLY A 1 13.25 -11.41 4.88
N ALA A 2 13.90 -12.13 3.96
CA ALA A 2 13.64 -11.98 2.54
C ALA A 2 12.19 -12.32 2.21
N MET A 3 11.64 -13.29 2.93
CA MET A 3 10.26 -13.72 2.72
C MET A 3 9.29 -12.59 3.05
N ALA A 4 9.58 -11.84 4.12
CA ALA A 4 8.73 -10.74 4.53
C ALA A 4 8.58 -9.72 3.41
N THR A 5 9.66 -9.45 2.69
CA THR A 5 9.64 -8.50 1.60
C THR A 5 8.62 -8.90 0.53
N ARG A 6 8.42 -10.20 0.37
CA ARG A 6 7.47 -10.71 -0.61
C ARG A 6 6.09 -10.10 -0.40
N GLN A 7 5.54 -10.29 0.79
CA GLN A 7 4.22 -9.76 1.12
C GLN A 7 4.24 -8.23 1.14
N ALA A 8 5.42 -7.66 1.41
CA ALA A 8 5.57 -6.22 1.47
C ALA A 8 5.09 -5.57 0.18
N ARG A 9 5.17 -6.31 -0.93
CA ARG A 9 4.74 -5.80 -2.22
C ARG A 9 3.27 -5.40 -2.19
N ARG A 10 2.48 -6.12 -1.40
CA ARG A 10 1.05 -5.83 -1.28
C ARG A 10 0.81 -4.65 -0.35
N ASN A 11 1.59 -4.57 0.71
CA ASN A 11 1.46 -3.49 1.68
C ASN A 11 1.59 -2.13 1.00
N ARG A 12 2.45 -2.06 -0.02
CA ARG A 12 2.66 -0.82 -0.76
C ARG A 12 1.34 -0.32 -1.37
N ARG A 13 0.58 -1.24 -1.94
CA ARG A 13 -0.70 -0.89 -2.55
C ARG A 13 -1.72 -0.47 -1.50
N ARG A 14 -1.61 -1.05 -0.31
CA ARG A 14 -2.52 -0.73 0.78
C ARG A 14 -2.43 0.75 1.16
N ARG A 15 -1.21 1.20 1.44
CA ARG A 15 -0.98 2.59 1.81
C ARG A 15 -1.23 3.52 0.62
N TRP A 16 -1.03 3.00 -0.58
CA TRP A 16 -1.22 3.78 -1.80
C TRP A 16 -2.70 4.08 -2.01
N ARG A 17 -3.56 3.22 -1.49
CA ARG A 17 -5.01 3.39 -1.62
C ARG A 17 -5.52 4.42 -0.64
N GLU A 18 -5.28 4.19 0.65
CA GLU A 18 -5.72 5.10 1.69
C GLU A 18 -5.15 6.49 1.48
N ARG A 19 -3.99 6.56 0.82
CA ARG A 19 -3.33 7.84 0.55
C ARG A 19 -4.02 8.57 -0.59
N GLN A 20 -4.26 7.85 -1.69
CA GLN A 20 -4.90 8.43 -2.86
C GLN A 20 -6.35 8.81 -2.55
N ARG A 21 -6.94 8.11 -1.59
CA ARG A 21 -8.33 8.37 -1.20
C ARG A 21 -8.54 9.85 -0.90
N ALA A 22 -7.48 10.51 -0.43
CA ALA A 22 -7.55 11.93 -0.10
C ALA A 22 -7.84 12.77 -1.35
N ALA A 23 -7.18 12.42 -2.45
CA ALA A 23 -7.37 13.14 -3.71
C ALA A 23 -8.56 12.59 -4.48
N ALA A 24 -8.56 11.29 -4.71
CA ALA A 24 -9.64 10.64 -5.44
C ALA A 24 -11.00 10.96 -4.81
N ALA A 25 -11.04 10.92 -3.48
CA ALA A 25 -12.28 11.20 -2.75
C ALA A 25 -12.16 12.50 -1.97
N ARG A 26 -13.21 13.32 -2.03
CA ARG A 26 -13.22 14.60 -1.32
C ARG A 26 -14.00 14.49 -0.01
N GLY A 1 12.63 -10.19 7.34
CA GLY A 1 12.78 -11.54 6.85
C GLY A 1 12.32 -11.68 5.41
N ALA A 2 12.48 -12.88 4.86
CA ALA A 2 12.08 -13.15 3.49
C ALA A 2 10.56 -13.09 3.32
N MET A 3 9.85 -13.76 4.23
CA MET A 3 8.40 -13.78 4.19
C MET A 3 7.84 -12.37 4.13
N ALA A 4 8.42 -11.47 4.92
CA ALA A 4 7.97 -10.08 4.95
C ALA A 4 8.25 -9.38 3.63
N THR A 5 9.39 -9.71 3.03
CA THR A 5 9.79 -9.10 1.76
C THR A 5 8.75 -9.38 0.68
N ARG A 6 8.14 -10.56 0.73
CA ARG A 6 7.13 -10.95 -0.25
C ARG A 6 5.89 -10.06 -0.12
N GLN A 7 5.28 -10.07 1.06
CA GLN A 7 4.08 -9.28 1.32
C GLN A 7 4.37 -7.78 1.13
N ALA A 8 5.63 -7.40 1.31
CA ALA A 8 6.03 -6.01 1.15
C ALA A 8 5.59 -5.47 -0.20
N ARG A 9 5.79 -6.26 -1.25
CA ARG A 9 5.41 -5.85 -2.59
C ARG A 9 3.95 -5.43 -2.66
N ARG A 10 3.14 -5.99 -1.76
CA ARG A 10 1.72 -5.66 -1.71
C ARG A 10 1.48 -4.41 -0.88
N ASN A 11 2.37 -4.14 0.07
CA ASN A 11 2.25 -2.98 0.93
C ASN A 11 2.51 -1.70 0.14
N ARG A 12 3.39 -1.79 -0.84
CA ARG A 12 3.73 -0.64 -1.67
C ARG A 12 2.47 0.01 -2.25
N ARG A 13 1.68 -0.79 -2.97
CA ARG A 13 0.46 -0.29 -3.58
C ARG A 13 -0.59 0.02 -2.51
N ARG A 14 -0.56 -0.73 -1.41
CA ARG A 14 -1.50 -0.53 -0.32
C ARG A 14 -1.52 0.93 0.12
N ARG A 15 -0.36 1.43 0.54
CA ARG A 15 -0.25 2.81 0.99
C ARG A 15 -0.77 3.77 -0.07
N TRP A 16 -0.39 3.54 -1.32
CA TRP A 16 -0.81 4.39 -2.43
C TRP A 16 -2.33 4.51 -2.46
N ARG A 17 -3.02 3.42 -2.11
CA ARG A 17 -4.47 3.40 -2.11
C ARG A 17 -5.02 4.27 -0.98
N GLU A 18 -4.53 4.02 0.24
CA GLU A 18 -4.98 4.78 1.41
C GLU A 18 -4.71 6.27 1.22
N ARG A 19 -3.66 6.58 0.48
CA ARG A 19 -3.29 7.97 0.23
C ARG A 19 -4.24 8.61 -0.79
N GLN A 20 -4.63 7.84 -1.80
CA GLN A 20 -5.53 8.33 -2.83
C GLN A 20 -6.91 8.64 -2.25
N ARG A 21 -7.25 7.97 -1.16
CA ARG A 21 -8.54 8.16 -0.50
C ARG A 21 -8.78 9.64 -0.22
N ALA A 22 -7.69 10.38 0.00
CA ALA A 22 -7.79 11.81 0.28
C ALA A 22 -8.35 12.57 -0.92
N ALA A 23 -7.90 12.19 -2.11
CA ALA A 23 -8.36 12.85 -3.33
C ALA A 23 -9.66 12.23 -3.83
N ALA A 24 -9.65 10.90 -4.01
CA ALA A 24 -10.83 10.18 -4.48
C ALA A 24 -12.03 10.48 -3.59
N ALA A 25 -11.81 10.47 -2.28
CA ALA A 25 -12.88 10.73 -1.32
C ALA A 25 -12.61 12.00 -0.52
N ARG A 26 -13.51 12.97 -0.64
CA ARG A 26 -13.36 14.24 0.07
C ARG A 26 -14.01 14.17 1.44
N GLY A 1 12.86 -12.60 8.64
CA GLY A 1 12.41 -13.51 7.60
C GLY A 1 12.18 -12.81 6.27
N ALA A 2 12.79 -13.33 5.22
CA ALA A 2 12.65 -12.76 3.89
C ALA A 2 11.18 -12.62 3.50
N MET A 3 10.36 -13.55 3.99
CA MET A 3 8.94 -13.53 3.70
C MET A 3 8.32 -12.17 4.04
N ALA A 4 8.90 -11.50 5.03
CA ALA A 4 8.41 -10.20 5.45
C ALA A 4 8.29 -9.24 4.26
N THR A 5 9.38 -9.08 3.52
CA THR A 5 9.39 -8.21 2.37
C THR A 5 8.44 -8.70 1.29
N ARG A 6 8.27 -10.01 1.20
CA ARG A 6 7.39 -10.62 0.22
C ARG A 6 6.01 -9.99 0.27
N GLN A 7 5.36 -10.09 1.43
CA GLN A 7 4.02 -9.53 1.62
C GLN A 7 4.07 -8.01 1.60
N ALA A 8 5.21 -7.45 1.98
CA ALA A 8 5.39 -6.00 2.00
C ALA A 8 5.23 -5.40 0.60
N ARG A 9 5.61 -6.17 -0.41
CA ARG A 9 5.53 -5.72 -1.79
C ARG A 9 4.07 -5.56 -2.21
N ARG A 10 3.20 -6.41 -1.67
CA ARG A 10 1.79 -6.35 -1.99
C ARG A 10 1.12 -5.13 -1.36
N ASN A 11 1.64 -4.71 -0.21
CA ASN A 11 1.11 -3.55 0.50
C ASN A 11 1.70 -2.26 -0.05
N ARG A 12 2.92 -2.35 -0.56
CA ARG A 12 3.61 -1.17 -1.11
C ARG A 12 2.73 -0.48 -2.14
N ARG A 13 2.23 -1.24 -3.11
CA ARG A 13 1.38 -0.70 -4.16
C ARG A 13 0.04 -0.26 -3.59
N ARG A 14 -0.46 -1.00 -2.61
CA ARG A 14 -1.73 -0.68 -1.98
C ARG A 14 -1.71 0.71 -1.37
N ARG A 15 -0.53 1.15 -0.95
CA ARG A 15 -0.37 2.46 -0.34
C ARG A 15 -0.96 3.55 -1.24
N TRP A 16 -0.79 3.39 -2.55
CA TRP A 16 -1.31 4.35 -3.52
C TRP A 16 -2.79 4.63 -3.27
N ARG A 17 -3.58 3.56 -3.21
CA ARG A 17 -5.02 3.69 -2.98
C ARG A 17 -5.29 4.41 -1.66
N GLU A 18 -4.68 3.93 -0.59
CA GLU A 18 -4.86 4.53 0.73
C GLU A 18 -4.59 6.03 0.69
N ARG A 19 -3.53 6.42 0.00
CA ARG A 19 -3.16 7.83 -0.11
C ARG A 19 -4.21 8.60 -0.92
N GLN A 20 -4.63 8.01 -2.03
CA GLN A 20 -5.62 8.63 -2.91
C GLN A 20 -6.92 8.89 -2.14
N ARG A 21 -7.17 8.09 -1.11
CA ARG A 21 -8.38 8.23 -0.31
C ARG A 21 -8.54 9.66 0.17
N ALA A 22 -7.42 10.36 0.37
CA ALA A 22 -7.45 11.74 0.82
C ALA A 22 -8.05 12.66 -0.24
N ALA A 23 -7.73 12.39 -1.49
CA ALA A 23 -8.25 13.18 -2.60
C ALA A 23 -9.63 12.71 -3.02
N ALA A 24 -9.74 11.42 -3.32
CA ALA A 24 -11.01 10.84 -3.74
C ALA A 24 -12.07 11.00 -2.66
N ALA A 25 -11.67 10.82 -1.41
CA ALA A 25 -12.59 10.94 -0.28
C ALA A 25 -12.22 12.13 0.59
N ARG A 26 -13.13 13.09 0.70
CA ARG A 26 -12.90 14.29 1.51
C ARG A 26 -13.16 14.00 2.98
N GLY A 1 9.90 -10.71 9.15
CA GLY A 1 10.63 -11.90 8.78
C GLY A 1 11.28 -11.79 7.42
N ALA A 2 12.14 -12.75 7.08
CA ALA A 2 12.82 -12.74 5.80
C ALA A 2 11.84 -12.95 4.65
N MET A 3 10.74 -13.65 4.93
CA MET A 3 9.73 -13.90 3.91
C MET A 3 8.75 -12.74 3.82
N ALA A 4 8.61 -12.00 4.91
CA ALA A 4 7.70 -10.85 4.95
C ALA A 4 8.00 -9.88 3.81
N THR A 5 9.28 -9.78 3.45
CA THR A 5 9.70 -8.88 2.37
C THR A 5 8.90 -9.14 1.10
N ARG A 6 8.49 -10.40 0.91
CA ARG A 6 7.72 -10.77 -0.27
C ARG A 6 6.35 -10.08 -0.27
N GLN A 7 5.56 -10.33 0.77
CA GLN A 7 4.24 -9.74 0.88
C GLN A 7 4.33 -8.22 0.90
N ALA A 8 5.47 -7.69 1.34
CA ALA A 8 5.68 -6.26 1.41
C ALA A 8 5.48 -5.61 0.05
N ARG A 9 5.93 -6.31 -1.00
CA ARG A 9 5.81 -5.80 -2.37
C ARG A 9 4.36 -5.39 -2.66
N ARG A 10 3.41 -6.18 -2.18
CA ARG A 10 2.00 -5.90 -2.39
C ARG A 10 1.56 -4.69 -1.56
N ASN A 11 1.86 -4.73 -0.27
CA ASN A 11 1.49 -3.64 0.63
C ASN A 11 1.96 -2.30 0.08
N ARG A 12 3.14 -2.30 -0.53
CA ARG A 12 3.71 -1.08 -1.09
C ARG A 12 2.73 -0.43 -2.08
N ARG A 13 2.09 -1.25 -2.90
CA ARG A 13 1.14 -0.76 -3.89
C ARG A 13 -0.14 -0.29 -3.22
N ARG A 14 -0.54 -0.99 -2.16
CA ARG A 14 -1.76 -0.64 -1.42
C ARG A 14 -1.65 0.76 -0.84
N ARG A 15 -0.44 1.15 -0.47
CA ARG A 15 -0.21 2.47 0.11
C ARG A 15 -0.73 3.57 -0.82
N TRP A 16 -0.70 3.30 -2.12
CA TRP A 16 -1.17 4.27 -3.10
C TRP A 16 -2.67 4.46 -3.01
N ARG A 17 -3.41 3.35 -3.05
CA ARG A 17 -4.86 3.40 -2.98
C ARG A 17 -5.32 4.17 -1.74
N GLU A 18 -4.65 3.92 -0.61
CA GLU A 18 -5.00 4.59 0.64
C GLU A 18 -4.79 6.10 0.51
N ARG A 19 -3.84 6.49 -0.34
CA ARG A 19 -3.55 7.90 -0.54
C ARG A 19 -4.67 8.59 -1.31
N GLN A 20 -5.33 7.84 -2.19
CA GLN A 20 -6.43 8.38 -2.98
C GLN A 20 -7.54 8.90 -2.10
N ARG A 21 -7.65 8.35 -0.89
CA ARG A 21 -8.66 8.76 0.06
C ARG A 21 -8.65 10.28 0.25
N ALA A 22 -7.47 10.86 0.13
CA ALA A 22 -7.32 12.31 0.29
C ALA A 22 -8.01 13.06 -0.85
N ALA A 23 -7.94 12.50 -2.05
CA ALA A 23 -8.56 13.12 -3.22
C ALA A 23 -10.03 12.76 -3.31
N ALA A 24 -10.33 11.47 -3.29
CA ALA A 24 -11.70 11.00 -3.37
C ALA A 24 -12.53 11.49 -2.18
N ALA A 25 -11.92 11.47 -0.99
CA ALA A 25 -12.59 11.91 0.22
C ALA A 25 -11.97 13.21 0.74
N ARG A 26 -12.81 14.22 0.91
CA ARG A 26 -12.35 15.52 1.40
C ARG A 26 -12.27 15.52 2.91
N GLY A 1 14.44 -13.21 6.22
CA GLY A 1 13.98 -11.84 6.07
C GLY A 1 13.41 -11.56 4.70
N ALA A 2 13.79 -12.37 3.73
CA ALA A 2 13.31 -12.21 2.36
C ALA A 2 11.83 -12.54 2.26
N MET A 3 11.36 -13.43 3.11
CA MET A 3 9.96 -13.83 3.12
C MET A 3 9.07 -12.70 3.62
N ALA A 4 9.60 -11.89 4.52
CA ALA A 4 8.87 -10.76 5.09
C ALA A 4 8.62 -9.68 4.03
N THR A 5 9.64 -9.42 3.22
CA THR A 5 9.54 -8.41 2.17
C THR A 5 8.53 -8.83 1.10
N ARG A 6 8.38 -10.14 0.93
CA ARG A 6 7.45 -10.67 -0.06
C ARG A 6 6.05 -10.07 0.12
N GLN A 7 5.49 -10.24 1.31
CA GLN A 7 4.16 -9.71 1.60
C GLN A 7 4.17 -8.19 1.58
N ALA A 8 5.32 -7.60 1.88
CA ALA A 8 5.46 -6.15 1.90
C ALA A 8 4.97 -5.54 0.59
N ARG A 9 5.26 -6.21 -0.51
CA ARG A 9 4.84 -5.73 -1.82
C ARG A 9 3.35 -5.42 -1.85
N ARG A 10 2.56 -6.29 -1.22
CA ARG A 10 1.11 -6.10 -1.17
C ARG A 10 0.75 -4.79 -0.49
N ASN A 11 1.13 -4.66 0.78
CA ASN A 11 0.84 -3.45 1.54
C ASN A 11 1.42 -2.22 0.85
N ARG A 12 2.57 -2.40 0.19
CA ARG A 12 3.21 -1.31 -0.52
C ARG A 12 2.25 -0.61 -1.47
N ARG A 13 1.59 -1.40 -2.32
CA ARG A 13 0.64 -0.87 -3.28
C ARG A 13 -0.64 -0.42 -2.59
N ARG A 14 -1.06 -1.19 -1.58
CA ARG A 14 -2.27 -0.87 -0.84
C ARG A 14 -2.17 0.51 -0.20
N ARG A 15 -0.97 0.87 0.26
CA ARG A 15 -0.75 2.16 0.90
C ARG A 15 -0.99 3.30 -0.09
N TRP A 16 -0.65 3.07 -1.35
CA TRP A 16 -0.84 4.08 -2.39
C TRP A 16 -2.31 4.39 -2.59
N ARG A 17 -3.12 3.35 -2.77
CA ARG A 17 -4.55 3.51 -2.98
C ARG A 17 -5.16 4.37 -1.86
N GLU A 18 -4.77 4.08 -0.62
CA GLU A 18 -5.28 4.82 0.53
C GLU A 18 -4.87 6.29 0.45
N ARG A 19 -3.67 6.54 -0.08
CA ARG A 19 -3.15 7.89 -0.20
C ARG A 19 -4.03 8.73 -1.13
N GLN A 20 -4.58 8.07 -2.17
CA GLN A 20 -5.43 8.76 -3.12
C GLN A 20 -6.80 9.06 -2.51
N ARG A 21 -7.20 8.24 -1.54
CA ARG A 21 -8.50 8.41 -0.89
C ARG A 21 -8.67 9.84 -0.39
N ALA A 22 -7.56 10.49 -0.05
CA ALA A 22 -7.58 11.86 0.44
C ALA A 22 -8.07 12.81 -0.64
N ALA A 23 -7.61 12.60 -1.87
CA ALA A 23 -8.01 13.43 -3.00
C ALA A 23 -9.33 12.96 -3.59
N ALA A 24 -9.38 11.69 -3.96
CA ALA A 24 -10.59 11.12 -4.54
C ALA A 24 -11.80 11.34 -3.63
N ALA A 25 -11.60 11.14 -2.34
CA ALA A 25 -12.68 11.31 -1.36
C ALA A 25 -12.38 12.48 -0.43
N ARG A 26 -13.40 13.27 -0.13
CA ARG A 26 -13.26 14.42 0.75
C ARG A 26 -13.44 14.02 2.21
N GLY A 1 13.35 -8.69 6.60
CA GLY A 1 14.03 -9.82 6.00
C GLY A 1 13.69 -10.01 4.54
N ALA A 2 13.99 -11.18 4.01
CA ALA A 2 13.71 -11.49 2.61
C ALA A 2 12.23 -11.81 2.41
N MET A 3 11.71 -12.71 3.23
CA MET A 3 10.31 -13.11 3.13
C MET A 3 9.40 -11.90 3.31
N ALA A 4 9.88 -10.90 4.03
CA ALA A 4 9.11 -9.68 4.26
C ALA A 4 8.96 -8.87 2.99
N THR A 5 10.03 -8.82 2.20
CA THR A 5 10.02 -8.07 0.95
C THR A 5 8.87 -8.49 0.06
N ARG A 6 8.46 -9.75 0.18
CA ARG A 6 7.36 -10.29 -0.61
C ARG A 6 6.03 -9.66 -0.19
N GLN A 7 5.68 -9.84 1.08
CA GLN A 7 4.43 -9.30 1.61
C GLN A 7 4.42 -7.77 1.52
N ALA A 8 5.60 -7.18 1.54
CA ALA A 8 5.74 -5.73 1.45
C ALA A 8 5.11 -5.19 0.18
N ARG A 9 5.17 -5.99 -0.89
CA ARG A 9 4.60 -5.60 -2.17
C ARG A 9 3.12 -5.26 -2.04
N ARG A 10 2.33 -6.26 -1.62
CA ARG A 10 0.90 -6.07 -1.46
C ARG A 10 0.60 -5.09 -0.32
N ASN A 11 1.45 -5.10 0.69
CA ASN A 11 1.29 -4.21 1.84
C ASN A 11 1.46 -2.75 1.43
N ARG A 12 2.23 -2.53 0.37
CA ARG A 12 2.48 -1.18 -0.12
C ARG A 12 1.31 -0.69 -0.97
N ARG A 13 0.97 -1.45 -2.00
CA ARG A 13 -0.14 -1.09 -2.89
C ARG A 13 -1.46 -1.05 -2.12
N ARG A 14 -1.53 -1.82 -1.04
CA ARG A 14 -2.74 -1.88 -0.23
C ARG A 14 -3.04 -0.52 0.39
N ARG A 15 -2.13 -0.02 1.20
CA ARG A 15 -2.29 1.28 1.85
C ARG A 15 -2.35 2.40 0.82
N TRP A 16 -1.72 2.17 -0.32
CA TRP A 16 -1.69 3.17 -1.39
C TRP A 16 -3.11 3.59 -1.77
N ARG A 17 -4.00 2.62 -1.94
CA ARG A 17 -5.38 2.89 -2.30
C ARG A 17 -6.05 3.77 -1.25
N GLU A 18 -5.99 3.33 0.01
CA GLU A 18 -6.59 4.08 1.11
C GLU A 18 -6.06 5.51 1.15
N ARG A 19 -4.76 5.66 0.88
CA ARG A 19 -4.12 6.97 0.89
C ARG A 19 -4.59 7.81 -0.29
N GLN A 20 -4.95 7.15 -1.39
CA GLN A 20 -5.42 7.83 -2.59
C GLN A 20 -6.64 8.68 -2.28
N ARG A 21 -7.39 8.30 -1.25
CA ARG A 21 -8.58 9.04 -0.87
C ARG A 21 -8.28 10.52 -0.68
N ALA A 22 -7.05 10.82 -0.28
CA ALA A 22 -6.63 12.20 -0.06
C ALA A 22 -6.62 12.98 -1.37
N ALA A 23 -6.16 12.32 -2.44
CA ALA A 23 -6.10 12.96 -3.76
C ALA A 23 -7.45 12.86 -4.47
N ALA A 24 -7.96 11.63 -4.58
CA ALA A 24 -9.24 11.40 -5.25
C ALA A 24 -10.36 12.19 -4.58
N ALA A 25 -10.31 12.26 -3.25
CA ALA A 25 -11.32 12.98 -2.49
C ALA A 25 -10.71 14.14 -1.71
N ARG A 26 -11.28 15.32 -1.86
CA ARG A 26 -10.80 16.51 -1.17
C ARG A 26 -11.64 16.82 0.06
N GLY A 1 15.29 -13.13 5.42
CA GLY A 1 14.12 -12.28 5.55
C GLY A 1 13.46 -11.99 4.22
N ALA A 2 13.33 -13.02 3.38
CA ALA A 2 12.71 -12.87 2.08
C ALA A 2 11.20 -12.76 2.19
N MET A 3 10.62 -13.44 3.18
CA MET A 3 9.19 -13.41 3.39
C MET A 3 8.71 -11.99 3.71
N ALA A 4 9.47 -11.29 4.55
CA ALA A 4 9.13 -9.92 4.92
C ALA A 4 8.93 -9.05 3.70
N THR A 5 9.93 -9.04 2.82
CA THR A 5 9.86 -8.24 1.60
C THR A 5 8.64 -8.60 0.77
N ARG A 6 8.33 -9.88 0.71
CA ARG A 6 7.19 -10.36 -0.06
C ARG A 6 5.91 -9.60 0.34
N GLN A 7 5.57 -9.68 1.62
CA GLN A 7 4.38 -8.99 2.13
C GLN A 7 4.49 -7.49 1.96
N ALA A 8 5.73 -6.99 1.93
CA ALA A 8 5.98 -5.57 1.77
C ALA A 8 5.53 -5.09 0.39
N ARG A 9 5.66 -5.94 -0.61
CA ARG A 9 5.27 -5.60 -1.97
C ARG A 9 3.75 -5.44 -2.07
N ARG A 10 3.03 -6.20 -1.25
CA ARG A 10 1.57 -6.15 -1.26
C ARG A 10 1.08 -4.87 -0.58
N ASN A 11 1.56 -4.63 0.64
CA ASN A 11 1.16 -3.45 1.40
C ASN A 11 1.48 -2.18 0.62
N ARG A 12 2.48 -2.26 -0.25
CA ARG A 12 2.89 -1.10 -1.06
C ARG A 12 1.71 -0.54 -1.84
N ARG A 13 1.16 -1.36 -2.73
CA ARG A 13 0.02 -0.94 -3.54
C ARG A 13 -1.19 -0.62 -2.66
N ARG A 14 -1.33 -1.35 -1.56
CA ARG A 14 -2.44 -1.15 -0.65
C ARG A 14 -2.43 0.27 -0.07
N ARG A 15 -1.30 0.63 0.55
CA ARG A 15 -1.16 1.96 1.14
C ARG A 15 -1.38 3.04 0.09
N TRP A 16 -0.87 2.80 -1.11
CA TRP A 16 -1.01 3.77 -2.20
C TRP A 16 -2.49 4.02 -2.52
N ARG A 17 -3.32 3.02 -2.28
CA ARG A 17 -4.75 3.13 -2.54
C ARG A 17 -5.45 3.90 -1.42
N GLU A 18 -5.26 3.45 -0.18
CA GLU A 18 -5.87 4.10 0.96
C GLU A 18 -5.45 5.56 1.06
N ARG A 19 -4.27 5.86 0.52
CA ARG A 19 -3.75 7.23 0.55
C ARG A 19 -4.44 8.08 -0.51
N GLN A 20 -4.71 7.49 -1.66
CA GLN A 20 -5.37 8.21 -2.75
C GLN A 20 -6.72 8.74 -2.31
N ARG A 21 -7.33 8.08 -1.32
CA ARG A 21 -8.63 8.48 -0.81
C ARG A 21 -8.63 9.96 -0.43
N ALA A 22 -7.47 10.46 -0.03
CA ALA A 22 -7.34 11.87 0.35
C ALA A 22 -7.54 12.79 -0.85
N ALA A 23 -7.03 12.36 -2.00
CA ALA A 23 -7.15 13.15 -3.22
C ALA A 23 -8.47 12.87 -3.92
N ALA A 24 -8.74 11.59 -4.18
CA ALA A 24 -9.97 11.19 -4.85
C ALA A 24 -11.20 11.65 -4.06
N ALA A 25 -11.13 11.51 -2.74
CA ALA A 25 -12.23 11.91 -1.87
C ALA A 25 -11.82 13.07 -0.96
N ARG A 26 -12.71 14.05 -0.83
CA ARG A 26 -12.44 15.21 0.01
C ARG A 26 -12.69 14.89 1.48
N GLY A 1 14.48 -11.05 5.86
CA GLY A 1 14.32 -12.19 4.98
C GLY A 1 13.81 -11.80 3.60
N ALA A 2 14.03 -12.68 2.63
CA ALA A 2 13.59 -12.42 1.26
C ALA A 2 12.09 -12.62 1.13
N MET A 3 11.54 -13.53 1.92
CA MET A 3 10.12 -13.82 1.88
C MET A 3 9.31 -12.64 2.43
N ALA A 4 9.89 -11.93 3.39
CA ALA A 4 9.22 -10.78 3.99
C ALA A 4 9.11 -9.63 2.99
N THR A 5 10.01 -9.61 2.01
CA THR A 5 10.01 -8.57 1.00
C THR A 5 8.81 -8.70 0.08
N ARG A 6 8.37 -9.93 -0.15
CA ARG A 6 7.23 -10.19 -1.02
C ARG A 6 5.94 -9.70 -0.39
N GLN A 7 5.63 -10.21 0.80
CA GLN A 7 4.42 -9.83 1.51
C GLN A 7 4.41 -8.34 1.80
N ALA A 8 5.61 -7.75 1.90
CA ALA A 8 5.74 -6.32 2.18
C ALA A 8 5.07 -5.50 1.09
N ARG A 9 5.13 -5.98 -0.15
CA ARG A 9 4.54 -5.29 -1.28
C ARG A 9 3.04 -5.07 -1.06
N ARG A 10 2.38 -6.09 -0.53
CA ARG A 10 0.94 -6.03 -0.27
C ARG A 10 0.61 -4.81 0.60
N ASN A 11 1.19 -4.77 1.79
CA ASN A 11 0.96 -3.66 2.72
C ASN A 11 1.41 -2.34 2.11
N ARG A 12 2.53 -2.37 1.40
CA ARG A 12 3.06 -1.17 0.77
C ARG A 12 2.02 -0.52 -0.13
N ARG A 13 1.56 -1.26 -1.13
CA ARG A 13 0.55 -0.75 -2.05
C ARG A 13 -0.74 -0.41 -1.32
N ARG A 14 -0.99 -1.09 -0.21
CA ARG A 14 -2.20 -0.86 0.58
C ARG A 14 -2.33 0.61 0.95
N ARG A 15 -1.26 1.18 1.51
CA ARG A 15 -1.26 2.58 1.90
C ARG A 15 -1.58 3.49 0.71
N TRP A 16 -1.00 3.15 -0.44
CA TRP A 16 -1.22 3.93 -1.65
C TRP A 16 -2.71 4.05 -1.97
N ARG A 17 -3.46 3.00 -1.68
CA ARG A 17 -4.90 2.99 -1.93
C ARG A 17 -5.62 3.95 -0.99
N GLU A 18 -5.41 3.76 0.31
CA GLU A 18 -6.05 4.61 1.31
C GLU A 18 -5.64 6.07 1.12
N ARG A 19 -4.44 6.29 0.59
CA ARG A 19 -3.93 7.63 0.36
C ARG A 19 -4.61 8.28 -0.84
N GLN A 20 -5.04 7.44 -1.79
CA GLN A 20 -5.71 7.93 -2.99
C GLN A 20 -6.99 8.68 -2.63
N ARG A 21 -7.57 8.34 -1.48
CA ARG A 21 -8.80 8.97 -1.03
C ARG A 21 -8.66 10.49 -1.03
N ALA A 22 -7.43 10.97 -0.80
CA ALA A 22 -7.17 12.40 -0.79
C ALA A 22 -7.37 13.02 -2.16
N ALA A 23 -6.96 12.29 -3.20
CA ALA A 23 -7.11 12.77 -4.57
C ALA A 23 -8.49 12.46 -5.12
N ALA A 24 -8.87 11.19 -5.05
CA ALA A 24 -10.19 10.76 -5.53
C ALA A 24 -11.31 11.48 -4.81
N ALA A 25 -11.17 11.63 -3.49
CA ALA A 25 -12.17 12.31 -2.69
C ALA A 25 -11.70 13.69 -2.27
N ARG A 26 -12.48 14.71 -2.63
CA ARG A 26 -12.12 16.09 -2.30
C ARG A 26 -12.72 16.49 -0.96
N GLY A 1 13.85 -12.68 7.63
CA GLY A 1 12.56 -12.07 7.39
C GLY A 1 12.23 -12.01 5.91
N ALA A 2 12.19 -13.17 5.26
CA ALA A 2 11.88 -13.24 3.84
C ALA A 2 10.37 -13.15 3.60
N MET A 3 9.60 -13.56 4.60
CA MET A 3 8.14 -13.52 4.50
C MET A 3 7.63 -12.08 4.45
N ALA A 4 8.31 -11.20 5.18
CA ALA A 4 7.93 -9.79 5.21
C ALA A 4 8.18 -9.12 3.86
N THR A 5 9.27 -9.49 3.22
CA THR A 5 9.62 -8.93 1.92
C THR A 5 8.47 -9.08 0.93
N ARG A 6 7.89 -10.27 0.87
CA ARG A 6 6.79 -10.54 -0.04
C ARG A 6 5.61 -9.59 0.23
N GLN A 7 5.09 -9.63 1.46
CA GLN A 7 3.98 -8.77 1.83
C GLN A 7 4.32 -7.30 1.59
N ALA A 8 5.60 -6.97 1.65
CA ALA A 8 6.06 -5.61 1.43
C ALA A 8 5.60 -5.08 0.08
N ARG A 9 5.48 -5.99 -0.88
CA ARG A 9 5.05 -5.62 -2.23
C ARG A 9 3.60 -5.15 -2.24
N ARG A 10 2.74 -5.93 -1.58
CA ARG A 10 1.31 -5.60 -1.50
C ARG A 10 1.10 -4.32 -0.70
N ASN A 11 1.97 -4.08 0.27
CA ASN A 11 1.87 -2.90 1.11
C ASN A 11 2.37 -1.66 0.37
N ARG A 12 3.29 -1.86 -0.55
CA ARG A 12 3.85 -0.76 -1.33
C ARG A 12 2.88 -0.33 -2.43
N ARG A 13 2.27 -1.31 -3.08
CA ARG A 13 1.33 -1.03 -4.16
C ARG A 13 0.01 -0.49 -3.61
N ARG A 14 -0.33 -0.90 -2.39
CA ARG A 14 -1.55 -0.45 -1.75
C ARG A 14 -1.41 0.97 -1.23
N ARG A 15 -0.18 1.34 -0.86
CA ARG A 15 0.09 2.66 -0.33
C ARG A 15 -0.37 3.75 -1.30
N TRP A 16 -0.19 3.50 -2.59
CA TRP A 16 -0.59 4.46 -3.61
C TRP A 16 -2.10 4.56 -3.69
N ARG A 17 -2.79 3.50 -3.28
CA ARG A 17 -4.25 3.48 -3.29
C ARG A 17 -4.81 4.22 -2.09
N GLU A 18 -4.45 3.78 -0.90
CA GLU A 18 -4.93 4.40 0.34
C GLU A 18 -4.57 5.89 0.36
N ARG A 19 -3.43 6.22 -0.22
CA ARG A 19 -2.97 7.61 -0.25
C ARG A 19 -3.96 8.49 -1.02
N GLN A 20 -4.57 7.91 -2.06
CA GLN A 20 -5.54 8.64 -2.86
C GLN A 20 -6.90 8.72 -2.16
N ARG A 21 -7.16 7.75 -1.29
CA ARG A 21 -8.43 7.71 -0.55
C ARG A 21 -8.68 9.05 0.14
N ALA A 22 -7.60 9.73 0.52
CA ALA A 22 -7.72 11.02 1.19
C ALA A 22 -8.32 12.07 0.26
N ALA A 23 -7.92 12.03 -1.00
CA ALA A 23 -8.41 12.99 -1.98
C ALA A 23 -9.74 12.52 -2.58
N ALA A 24 -9.76 11.30 -3.09
CA ALA A 24 -10.97 10.73 -3.69
C ALA A 24 -12.10 10.67 -2.67
N ALA A 25 -11.76 10.35 -1.43
CA ALA A 25 -12.75 10.26 -0.36
C ALA A 25 -12.49 11.31 0.72
N ARG A 26 -13.47 12.18 0.95
CA ARG A 26 -13.35 13.22 1.94
C ARG A 26 -13.98 12.79 3.27
N GLY A 1 11.90 -12.30 8.53
CA GLY A 1 11.86 -11.15 7.66
C GLY A 1 11.85 -11.52 6.19
N ALA A 2 12.37 -12.70 5.88
CA ALA A 2 12.41 -13.18 4.51
C ALA A 2 11.02 -13.25 3.90
N MET A 3 10.03 -13.56 4.73
CA MET A 3 8.65 -13.67 4.27
C MET A 3 8.02 -12.28 4.16
N ALA A 4 8.28 -11.43 5.14
CA ALA A 4 7.74 -10.08 5.16
C ALA A 4 8.06 -9.35 3.86
N THR A 5 9.18 -9.70 3.25
CA THR A 5 9.61 -9.08 2.01
C THR A 5 8.61 -9.36 0.88
N ARG A 6 7.94 -10.49 0.97
CA ARG A 6 6.95 -10.88 -0.03
C ARG A 6 5.72 -9.98 0.04
N GLN A 7 5.06 -9.99 1.20
CA GLN A 7 3.87 -9.18 1.41
C GLN A 7 4.17 -7.70 1.20
N ALA A 8 5.42 -7.32 1.42
CA ALA A 8 5.84 -5.93 1.26
C ALA A 8 5.48 -5.41 -0.13
N ARG A 9 5.53 -6.30 -1.12
CA ARG A 9 5.21 -5.93 -2.49
C ARG A 9 3.79 -5.37 -2.59
N ARG A 10 2.84 -6.11 -2.04
CA ARG A 10 1.44 -5.69 -2.06
C ARG A 10 1.23 -4.44 -1.21
N ASN A 11 1.89 -4.40 -0.06
CA ASN A 11 1.78 -3.26 0.84
C ASN A 11 2.20 -1.97 0.15
N ARG A 12 3.24 -2.06 -0.68
CA ARG A 12 3.76 -0.90 -1.40
C ARG A 12 2.69 -0.33 -2.32
N ARG A 13 1.87 -1.21 -2.89
CA ARG A 13 0.80 -0.79 -3.80
C ARG A 13 -0.36 -0.17 -3.03
N ARG A 14 -0.64 -0.71 -1.85
CA ARG A 14 -1.73 -0.22 -1.02
C ARG A 14 -1.44 1.19 -0.53
N ARG A 15 -0.14 1.51 -0.39
CA ARG A 15 0.26 2.83 0.08
C ARG A 15 -0.29 3.92 -0.83
N TRP A 16 0.09 3.87 -2.10
CA TRP A 16 -0.37 4.86 -3.08
C TRP A 16 -1.89 4.84 -3.19
N ARG A 17 -2.48 3.67 -3.01
CA ARG A 17 -3.93 3.52 -3.09
C ARG A 17 -4.62 4.28 -1.97
N GLU A 18 -4.08 4.15 -0.76
CA GLU A 18 -4.65 4.83 0.41
C GLU A 18 -4.40 6.32 0.34
N ARG A 19 -3.28 6.71 -0.27
CA ARG A 19 -2.92 8.12 -0.39
C ARG A 19 -3.97 8.87 -1.20
N GLN A 20 -4.60 8.18 -2.14
CA GLN A 20 -5.64 8.79 -2.98
C GLN A 20 -6.96 8.85 -2.24
N ARG A 21 -7.16 7.94 -1.30
CA ARG A 21 -8.39 7.90 -0.52
C ARG A 21 -8.71 9.26 0.08
N ALA A 22 -7.66 10.03 0.38
CA ALA A 22 -7.84 11.36 0.95
C ALA A 22 -8.55 12.30 -0.03
N ALA A 23 -8.19 12.20 -1.30
CA ALA A 23 -8.80 13.03 -2.32
C ALA A 23 -10.10 12.42 -2.84
N ALA A 24 -10.02 11.16 -3.27
CA ALA A 24 -11.19 10.46 -3.78
C ALA A 24 -12.33 10.45 -2.76
N ALA A 25 -11.98 10.20 -1.50
CA ALA A 25 -12.96 10.18 -0.42
C ALA A 25 -12.75 11.33 0.56
N ARG A 26 -13.81 12.06 0.85
CA ARG A 26 -13.74 13.19 1.77
C ARG A 26 -13.78 12.71 3.21
N GLY A 1 14.99 -13.21 5.13
CA GLY A 1 13.66 -13.73 4.87
C GLY A 1 13.14 -13.33 3.50
N ALA A 2 12.74 -14.33 2.71
CA ALA A 2 12.23 -14.07 1.38
C ALA A 2 10.77 -13.61 1.42
N MET A 3 9.97 -14.28 2.23
CA MET A 3 8.55 -13.93 2.36
C MET A 3 8.40 -12.54 2.99
N ALA A 4 9.37 -12.16 3.80
CA ALA A 4 9.34 -10.85 4.47
C ALA A 4 9.20 -9.73 3.45
N THR A 5 9.99 -9.79 2.39
CA THR A 5 9.95 -8.78 1.34
C THR A 5 8.65 -8.85 0.55
N ARG A 6 8.18 -10.06 0.31
CA ARG A 6 6.94 -10.26 -0.43
C ARG A 6 5.79 -9.47 0.19
N GLN A 7 5.50 -9.77 1.46
CA GLN A 7 4.42 -9.09 2.18
C GLN A 7 4.72 -7.60 2.30
N ALA A 8 6.00 -7.24 2.27
CA ALA A 8 6.41 -5.85 2.39
C ALA A 8 5.84 -5.02 1.25
N ARG A 9 5.65 -5.64 0.10
CA ARG A 9 5.11 -4.95 -1.06
C ARG A 9 3.59 -4.92 -1.02
N ARG A 10 3.00 -5.91 -0.35
CA ARG A 10 1.55 -6.00 -0.24
C ARG A 10 0.99 -4.79 0.51
N ASN A 11 1.73 -4.33 1.52
CA ASN A 11 1.31 -3.19 2.31
C ASN A 11 1.83 -1.89 1.71
N ARG A 12 2.95 -1.99 1.00
CA ARG A 12 3.56 -0.81 0.38
C ARG A 12 2.79 -0.40 -0.87
N ARG A 13 2.18 -1.38 -1.54
CA ARG A 13 1.41 -1.10 -2.74
C ARG A 13 0.03 -0.56 -2.40
N ARG A 14 -0.46 -0.90 -1.21
CA ARG A 14 -1.77 -0.44 -0.77
C ARG A 14 -1.70 1.01 -0.30
N ARG A 15 -0.52 1.43 0.16
CA ARG A 15 -0.33 2.79 0.65
C ARG A 15 -0.82 3.80 -0.39
N TRP A 16 -0.67 3.46 -1.66
CA TRP A 16 -1.09 4.34 -2.74
C TRP A 16 -2.61 4.47 -2.79
N ARG A 17 -3.30 3.37 -2.47
CA ARG A 17 -4.76 3.36 -2.46
C ARG A 17 -5.32 4.22 -1.34
N GLU A 18 -4.94 3.90 -0.11
CA GLU A 18 -5.40 4.65 1.04
C GLU A 18 -5.08 6.14 0.90
N ARG A 19 -3.99 6.42 0.19
CA ARG A 19 -3.57 7.80 -0.03
C ARG A 19 -4.43 8.47 -1.10
N GLN A 20 -4.98 7.68 -2.00
CA GLN A 20 -5.82 8.19 -3.07
C GLN A 20 -7.17 8.67 -2.52
N ARG A 21 -7.59 8.10 -1.40
CA ARG A 21 -8.85 8.46 -0.77
C ARG A 21 -8.94 9.98 -0.58
N ALA A 22 -7.79 10.61 -0.36
CA ALA A 22 -7.74 12.05 -0.16
C ALA A 22 -8.14 12.80 -1.42
N ALA A 23 -7.73 12.26 -2.58
CA ALA A 23 -8.05 12.88 -3.86
C ALA A 23 -9.43 12.43 -4.35
N ALA A 24 -9.63 11.13 -4.43
CA ALA A 24 -10.90 10.58 -4.88
C ALA A 24 -12.05 11.02 -3.98
N ALA A 25 -11.80 11.01 -2.68
CA ALA A 25 -12.82 11.42 -1.71
C ALA A 25 -12.43 12.72 -1.02
N ARG A 26 -13.39 13.63 -0.90
CA ARG A 26 -13.15 14.92 -0.27
C ARG A 26 -13.78 14.98 1.12
N GLY A 1 14.31 -10.62 7.17
CA GLY A 1 12.89 -10.81 6.98
C GLY A 1 12.52 -11.07 5.53
N ALA A 2 12.76 -12.30 5.07
CA ALA A 2 12.45 -12.67 3.70
C ALA A 2 10.96 -12.56 3.42
N MET A 3 10.14 -12.99 4.38
CA MET A 3 8.69 -12.93 4.24
C MET A 3 8.19 -11.50 4.37
N ALA A 4 8.93 -10.68 5.10
CA ALA A 4 8.55 -9.28 5.29
C ALA A 4 8.76 -8.48 4.01
N THR A 5 9.80 -8.82 3.26
CA THR A 5 10.10 -8.13 2.02
C THR A 5 9.18 -8.59 0.89
N ARG A 6 8.72 -9.83 0.98
CA ARG A 6 7.84 -10.39 -0.03
C ARG A 6 6.50 -9.66 -0.04
N GLN A 7 5.82 -9.65 1.10
CA GLN A 7 4.53 -9.00 1.23
C GLN A 7 4.67 -7.50 1.04
N ALA A 8 5.85 -6.97 1.34
CA ALA A 8 6.10 -5.54 1.21
C ALA A 8 5.79 -5.06 -0.21
N ARG A 9 5.88 -5.97 -1.17
CA ARG A 9 5.62 -5.64 -2.56
C ARG A 9 4.13 -5.35 -2.77
N ARG A 10 3.29 -6.35 -2.48
CA ARG A 10 1.86 -6.20 -2.64
C ARG A 10 1.31 -5.14 -1.69
N ASN A 11 1.82 -5.13 -0.46
CA ASN A 11 1.39 -4.17 0.54
C ASN A 11 1.47 -2.75 0.01
N ARG A 12 2.53 -2.47 -0.74
CA ARG A 12 2.73 -1.14 -1.31
C ARG A 12 1.50 -0.69 -2.10
N ARG A 13 0.89 -1.64 -2.82
CA ARG A 13 -0.29 -1.34 -3.62
C ARG A 13 -1.49 -1.03 -2.72
N ARG A 14 -1.64 -1.81 -1.66
CA ARG A 14 -2.74 -1.62 -0.73
C ARG A 14 -2.73 -0.22 -0.14
N ARG A 15 -1.57 0.18 0.39
CA ARG A 15 -1.42 1.50 0.99
C ARG A 15 -1.65 2.59 -0.04
N TRP A 16 -1.30 2.31 -1.30
CA TRP A 16 -1.46 3.27 -2.38
C TRP A 16 -2.91 3.73 -2.47
N ARG A 17 -3.84 2.79 -2.36
CA ARG A 17 -5.26 3.10 -2.43
C ARG A 17 -5.64 4.16 -1.40
N GLU A 18 -5.38 3.86 -0.13
CA GLU A 18 -5.69 4.78 0.95
C GLU A 18 -5.01 6.13 0.73
N ARG A 19 -3.78 6.09 0.20
CA ARG A 19 -3.02 7.30 -0.05
C ARG A 19 -3.76 8.23 -1.00
N GLN A 20 -4.57 7.63 -1.88
CA GLN A 20 -5.34 8.41 -2.85
C GLN A 20 -6.67 8.86 -2.25
N ARG A 21 -7.16 8.10 -1.29
CA ARG A 21 -8.43 8.42 -0.63
C ARG A 21 -8.43 9.86 -0.14
N ALA A 22 -7.25 10.36 0.22
CA ALA A 22 -7.12 11.73 0.72
C ALA A 22 -7.39 12.74 -0.40
N ALA A 23 -6.97 12.41 -1.61
CA ALA A 23 -7.17 13.29 -2.75
C ALA A 23 -8.54 13.08 -3.38
N ALA A 24 -8.86 11.83 -3.72
CA ALA A 24 -10.14 11.51 -4.32
C ALA A 24 -11.29 11.82 -3.37
N ALA A 25 -11.07 11.55 -2.08
CA ALA A 25 -12.10 11.81 -1.07
C ALA A 25 -11.65 12.91 -0.11
N ARG A 26 -12.43 13.98 -0.06
CA ARG A 26 -12.12 15.11 0.82
C ARG A 26 -12.54 14.81 2.26
N GLY A 1 13.97 -10.79 5.96
CA GLY A 1 13.64 -12.08 5.38
C GLY A 1 13.36 -12.00 3.90
N ALA A 2 13.95 -12.91 3.13
CA ALA A 2 13.76 -12.94 1.68
C ALA A 2 12.27 -12.98 1.33
N MET A 3 11.54 -13.84 2.02
CA MET A 3 10.10 -13.97 1.77
C MET A 3 9.33 -12.82 2.42
N ALA A 4 9.81 -12.35 3.57
CA ALA A 4 9.17 -11.26 4.28
C ALA A 4 8.99 -10.05 3.36
N THR A 5 9.91 -9.88 2.42
CA THR A 5 9.84 -8.76 1.49
C THR A 5 8.55 -8.77 0.69
N ARG A 6 8.11 -9.97 0.31
CA ARG A 6 6.88 -10.12 -0.46
C ARG A 6 5.71 -9.44 0.25
N GLN A 7 5.42 -9.88 1.47
CA GLN A 7 4.33 -9.31 2.25
C GLN A 7 4.52 -7.81 2.43
N ALA A 8 5.77 -7.36 2.40
CA ALA A 8 6.09 -5.94 2.56
C ALA A 8 5.52 -5.13 1.40
N ARG A 9 5.52 -5.72 0.21
CA ARG A 9 5.00 -5.04 -0.97
C ARG A 9 3.48 -5.05 -0.99
N ARG A 10 2.89 -6.09 -0.41
CA ARG A 10 1.44 -6.22 -0.36
C ARG A 10 0.80 -4.99 0.28
N ASN A 11 1.21 -4.69 1.51
CA ASN A 11 0.67 -3.55 2.24
C ASN A 11 1.11 -2.24 1.58
N ARG A 12 2.35 -2.22 1.08
CA ARG A 12 2.89 -1.04 0.44
C ARG A 12 2.02 -0.62 -0.75
N ARG A 13 1.50 -1.61 -1.48
CA ARG A 13 0.66 -1.34 -2.64
C ARG A 13 -0.71 -0.84 -2.21
N ARG A 14 -1.13 -1.22 -1.01
CA ARG A 14 -2.43 -0.81 -0.47
C ARG A 14 -2.38 0.65 -0.04
N ARG A 15 -1.24 1.08 0.46
CA ARG A 15 -1.07 2.46 0.92
C ARG A 15 -1.37 3.45 -0.22
N TRP A 16 -0.75 3.21 -1.36
CA TRP A 16 -0.94 4.08 -2.52
C TRP A 16 -2.43 4.26 -2.83
N ARG A 17 -3.22 3.23 -2.52
CA ARG A 17 -4.65 3.27 -2.76
C ARG A 17 -5.37 4.03 -1.64
N GLU A 18 -5.14 3.60 -0.41
CA GLU A 18 -5.76 4.23 0.75
C GLU A 18 -5.46 5.72 0.79
N ARG A 19 -4.29 6.09 0.27
CA ARG A 19 -3.88 7.50 0.25
C ARG A 19 -4.61 8.25 -0.84
N GLN A 20 -5.03 7.54 -1.89
CA GLN A 20 -5.74 8.15 -3.00
C GLN A 20 -7.03 8.82 -2.53
N ARG A 21 -7.57 8.32 -1.42
CA ARG A 21 -8.80 8.86 -0.86
C ARG A 21 -8.70 10.37 -0.69
N ALA A 22 -7.50 10.85 -0.37
CA ALA A 22 -7.26 12.27 -0.18
C ALA A 22 -7.64 13.06 -1.42
N ALA A 23 -7.24 12.55 -2.58
CA ALA A 23 -7.54 13.21 -3.84
C ALA A 23 -8.93 12.82 -4.35
N ALA A 24 -9.17 11.53 -4.46
CA ALA A 24 -10.45 11.03 -4.93
C ALA A 24 -11.61 11.65 -4.16
N ALA A 25 -11.46 11.74 -2.84
CA ALA A 25 -12.49 12.33 -1.99
C ALA A 25 -12.08 13.71 -1.51
N ARG A 26 -12.94 14.69 -1.75
CA ARG A 26 -12.68 16.07 -1.33
C ARG A 26 -13.69 16.54 -0.31
N GLY A 1 14.70 -10.97 5.21
CA GLY A 1 13.60 -11.93 5.29
C GLY A 1 12.73 -11.92 4.05
N ALA A 2 12.83 -12.99 3.26
CA ALA A 2 12.05 -13.10 2.04
C ALA A 2 10.56 -12.96 2.32
N MET A 3 10.15 -13.39 3.51
CA MET A 3 8.74 -13.32 3.91
C MET A 3 8.34 -11.88 4.23
N ALA A 4 9.18 -11.19 5.00
CA ALA A 4 8.92 -9.81 5.37
C ALA A 4 8.84 -8.91 4.15
N THR A 5 9.57 -9.28 3.10
CA THR A 5 9.58 -8.51 1.86
C THR A 5 8.34 -8.79 1.02
N ARG A 6 7.88 -10.04 1.05
CA ARG A 6 6.71 -10.43 0.29
C ARG A 6 5.51 -9.54 0.63
N GLN A 7 5.13 -9.54 1.90
CA GLN A 7 4.00 -8.73 2.35
C GLN A 7 4.24 -7.25 2.06
N ALA A 8 5.50 -6.87 1.99
CA ALA A 8 5.87 -5.47 1.71
C ALA A 8 5.43 -5.07 0.31
N ARG A 9 5.65 -5.95 -0.65
CA ARG A 9 5.27 -5.68 -2.04
C ARG A 9 3.82 -5.23 -2.13
N ARG A 10 2.91 -6.11 -1.73
CA ARG A 10 1.49 -5.81 -1.76
C ARG A 10 1.18 -4.52 -1.00
N ASN A 11 1.83 -4.35 0.14
CA ASN A 11 1.63 -3.16 0.97
C ASN A 11 2.03 -1.90 0.21
N ARG A 12 3.06 -2.01 -0.61
CA ARG A 12 3.55 -0.88 -1.40
C ARG A 12 2.42 -0.28 -2.23
N ARG A 13 1.76 -1.11 -3.03
CA ARG A 13 0.67 -0.66 -3.88
C ARG A 13 -0.59 -0.42 -3.05
N ARG A 14 -0.76 -1.20 -1.98
CA ARG A 14 -1.92 -1.08 -1.11
C ARG A 14 -1.97 0.31 -0.47
N ARG A 15 -0.83 0.76 0.06
CA ARG A 15 -0.75 2.06 0.70
C ARG A 15 -1.14 3.17 -0.26
N TRP A 16 -0.89 2.94 -1.55
CA TRP A 16 -1.22 3.92 -2.58
C TRP A 16 -2.72 4.19 -2.63
N ARG A 17 -3.50 3.10 -2.63
CA ARG A 17 -4.95 3.21 -2.67
C ARG A 17 -5.47 4.05 -1.52
N GLU A 18 -5.03 3.72 -0.30
CA GLU A 18 -5.45 4.45 0.89
C GLU A 18 -4.94 5.89 0.86
N ARG A 19 -3.73 6.07 0.34
CA ARG A 19 -3.12 7.39 0.26
C ARG A 19 -3.92 8.29 -0.68
N GLN A 20 -4.32 7.75 -1.82
CA GLN A 20 -5.08 8.50 -2.81
C GLN A 20 -6.51 8.75 -2.32
N ARG A 21 -6.99 7.86 -1.46
CA ARG A 21 -8.35 7.98 -0.91
C ARG A 21 -8.57 9.38 -0.33
N ALA A 22 -7.50 9.99 0.17
CA ALA A 22 -7.58 11.32 0.75
C ALA A 22 -7.98 12.36 -0.29
N ALA A 23 -7.41 12.22 -1.49
CA ALA A 23 -7.71 13.15 -2.58
C ALA A 23 -8.97 12.73 -3.32
N ALA A 24 -9.02 11.47 -3.75
CA ALA A 24 -10.17 10.95 -4.47
C ALA A 24 -11.44 11.07 -3.64
N ALA A 25 -11.32 10.78 -2.35
CA ALA A 25 -12.46 10.86 -1.45
C ALA A 25 -12.28 11.97 -0.43
N ARG A 26 -13.24 12.88 -0.38
CA ARG A 26 -13.19 14.01 0.54
C ARG A 26 -14.05 13.74 1.78
N GLY A 1 10.92 -9.73 8.93
CA GLY A 1 11.86 -8.88 8.21
C GLY A 1 11.83 -9.13 6.71
N ALA A 2 12.56 -10.16 6.27
CA ALA A 2 12.61 -10.50 4.86
C ALA A 2 11.25 -10.98 4.36
N MET A 3 10.58 -11.79 5.15
CA MET A 3 9.26 -12.31 4.79
C MET A 3 8.22 -11.20 4.80
N ALA A 4 8.45 -10.18 5.62
CA ALA A 4 7.53 -9.06 5.72
C ALA A 4 7.67 -8.12 4.51
N THR A 5 8.89 -7.67 4.27
CA THR A 5 9.16 -6.77 3.14
C THR A 5 8.76 -7.41 1.83
N ARG A 6 9.06 -8.70 1.67
CA ARG A 6 8.72 -9.42 0.46
C ARG A 6 7.23 -9.29 0.13
N GLN A 7 6.39 -9.73 1.07
CA GLN A 7 4.95 -9.66 0.87
C GLN A 7 4.49 -8.21 0.69
N ALA A 8 5.24 -7.29 1.26
CA ALA A 8 4.91 -5.87 1.16
C ALA A 8 5.09 -5.38 -0.28
N ARG A 9 5.95 -6.05 -1.04
CA ARG A 9 6.21 -5.68 -2.42
C ARG A 9 4.90 -5.56 -3.20
N ARG A 10 3.99 -6.50 -2.97
CA ARG A 10 2.71 -6.52 -3.65
C ARG A 10 1.69 -5.65 -2.92
N ASN A 11 1.88 -5.50 -1.61
CA ASN A 11 0.98 -4.69 -0.81
C ASN A 11 1.00 -3.23 -1.25
N ARG A 12 2.12 -2.82 -1.84
CA ARG A 12 2.27 -1.45 -2.31
C ARG A 12 1.11 -1.05 -3.21
N ARG A 13 0.57 -2.03 -3.94
CA ARG A 13 -0.55 -1.78 -4.84
C ARG A 13 -1.85 -1.58 -4.05
N ARG A 14 -1.99 -2.30 -2.95
CA ARG A 14 -3.17 -2.21 -2.11
C ARG A 14 -3.18 -0.89 -1.32
N ARG A 15 -2.03 -0.56 -0.73
CA ARG A 15 -1.90 0.66 0.04
C ARG A 15 -2.19 1.88 -0.82
N TRP A 16 -1.82 1.81 -2.08
CA TRP A 16 -2.04 2.91 -3.01
C TRP A 16 -3.50 3.35 -3.00
N ARG A 17 -4.39 2.41 -2.73
CA ARG A 17 -5.82 2.70 -2.69
C ARG A 17 -6.17 3.56 -1.47
N GLU A 18 -5.90 3.02 -0.29
CA GLU A 18 -6.19 3.74 0.95
C GLU A 18 -5.44 5.07 1.00
N ARG A 19 -4.30 5.12 0.33
CA ARG A 19 -3.50 6.34 0.29
C ARG A 19 -4.15 7.41 -0.57
N GLN A 20 -4.93 6.98 -1.56
CA GLN A 20 -5.61 7.90 -2.45
C GLN A 20 -6.65 8.72 -1.69
N ARG A 21 -7.14 8.17 -0.60
CA ARG A 21 -8.14 8.85 0.22
C ARG A 21 -7.67 10.26 0.58
N ALA A 22 -6.36 10.43 0.70
CA ALA A 22 -5.80 11.72 1.04
C ALA A 22 -6.10 12.76 -0.04
N ALA A 23 -5.98 12.35 -1.30
CA ALA A 23 -6.25 13.24 -2.42
C ALA A 23 -7.73 13.27 -2.76
N ALA A 24 -8.30 12.08 -2.99
CA ALA A 24 -9.71 11.96 -3.34
C ALA A 24 -10.59 12.63 -2.28
N ALA A 25 -10.22 12.44 -1.02
CA ALA A 25 -10.97 13.03 0.09
C ALA A 25 -10.17 14.12 0.78
N ARG A 26 -10.75 15.32 0.85
CA ARG A 26 -10.08 16.45 1.49
C ARG A 26 -10.52 16.59 2.95
N GLY A 1 14.89 -10.27 3.58
CA GLY A 1 14.01 -11.42 3.61
C GLY A 1 13.32 -11.66 2.29
N ALA A 2 13.31 -12.92 1.86
CA ALA A 2 12.69 -13.29 0.59
C ALA A 2 11.17 -13.35 0.74
N MET A 3 10.71 -14.09 1.74
CA MET A 3 9.28 -14.23 1.99
C MET A 3 8.67 -12.92 2.47
N ALA A 4 9.45 -12.17 3.24
CA ALA A 4 8.98 -10.88 3.76
C ALA A 4 8.62 -9.92 2.63
N THR A 5 9.33 -10.04 1.51
CA THR A 5 9.09 -9.19 0.35
C THR A 5 7.63 -9.27 -0.09
N ARG A 6 7.01 -10.43 0.14
CA ARG A 6 5.62 -10.64 -0.25
C ARG A 6 4.71 -9.62 0.45
N GLN A 7 4.72 -9.63 1.78
CA GLN A 7 3.90 -8.72 2.56
C GLN A 7 4.38 -7.29 2.40
N ALA A 8 5.68 -7.12 2.18
CA ALA A 8 6.27 -5.80 2.01
C ALA A 8 5.60 -5.04 0.88
N ARG A 9 5.03 -5.78 -0.07
CA ARG A 9 4.35 -5.17 -1.22
C ARG A 9 2.93 -4.77 -0.84
N ARG A 10 2.35 -5.47 0.12
CA ARG A 10 0.99 -5.20 0.56
C ARG A 10 0.93 -3.87 1.31
N ASN A 11 1.64 -3.79 2.42
CA ASN A 11 1.66 -2.57 3.23
C ASN A 11 2.11 -1.38 2.39
N ARG A 12 2.96 -1.64 1.41
CA ARG A 12 3.47 -0.58 0.54
C ARG A 12 2.42 -0.16 -0.48
N ARG A 13 1.66 -1.14 -0.97
CA ARG A 13 0.62 -0.86 -1.95
C ARG A 13 -0.54 -0.09 -1.32
N ARG A 14 -1.03 -0.59 -0.19
CA ARG A 14 -2.13 0.06 0.50
C ARG A 14 -1.78 1.50 0.87
N ARG A 15 -0.50 1.75 1.07
CA ARG A 15 -0.02 3.08 1.42
C ARG A 15 -0.20 4.05 0.25
N TRP A 16 0.06 3.57 -0.95
CA TRP A 16 -0.06 4.39 -2.15
C TRP A 16 -1.52 4.52 -2.57
N ARG A 17 -2.33 3.52 -2.21
CA ARG A 17 -3.74 3.52 -2.55
C ARG A 17 -4.53 4.41 -1.60
N GLU A 18 -4.41 4.15 -0.30
CA GLU A 18 -5.12 4.95 0.70
C GLU A 18 -4.74 6.41 0.60
N ARG A 19 -3.54 6.68 0.09
CA ARG A 19 -3.06 8.06 -0.06
C ARG A 19 -3.91 8.81 -1.07
N GLN A 20 -4.15 8.19 -2.22
CA GLN A 20 -4.94 8.82 -3.27
C GLN A 20 -6.44 8.76 -2.94
N ARG A 21 -6.81 7.77 -2.13
CA ARG A 21 -8.21 7.61 -1.74
C ARG A 21 -8.77 8.91 -1.17
N ALA A 22 -7.90 9.71 -0.56
CA ALA A 22 -8.30 10.98 0.03
C ALA A 22 -8.80 11.95 -1.05
N ALA A 23 -8.10 11.96 -2.19
CA ALA A 23 -8.47 12.83 -3.30
C ALA A 23 -9.53 12.19 -4.17
N ALA A 24 -9.26 10.98 -4.64
CA ALA A 24 -10.21 10.25 -5.47
C ALA A 24 -11.57 10.13 -4.80
N ALA A 25 -11.56 9.81 -3.52
CA ALA A 25 -12.79 9.65 -2.75
C ALA A 25 -13.04 10.87 -1.87
N ARG A 26 -14.26 11.38 -1.91
CA ARG A 26 -14.64 12.54 -1.11
C ARG A 26 -15.52 12.14 0.07
N GLY A 1 13.26 -10.82 6.19
CA GLY A 1 12.83 -12.17 5.90
C GLY A 1 12.15 -12.28 4.55
N ALA A 2 12.11 -13.49 4.01
CA ALA A 2 11.48 -13.74 2.72
C ALA A 2 9.99 -13.41 2.76
N MET A 3 9.33 -13.85 3.83
CA MET A 3 7.89 -13.61 3.99
C MET A 3 7.63 -12.14 4.29
N ALA A 4 8.58 -11.49 4.95
CA ALA A 4 8.44 -10.07 5.29
C ALA A 4 8.60 -9.19 4.06
N THR A 5 9.49 -9.61 3.16
CA THR A 5 9.73 -8.85 1.93
C THR A 5 8.67 -9.14 0.88
N ARG A 6 8.25 -10.40 0.80
CA ARG A 6 7.24 -10.81 -0.17
C ARG A 6 5.97 -9.97 -0.01
N GLN A 7 5.37 -10.03 1.18
CA GLN A 7 4.15 -9.28 1.45
C GLN A 7 4.40 -7.78 1.32
N ALA A 8 5.64 -7.36 1.53
CA ALA A 8 6.01 -5.95 1.43
C ALA A 8 5.56 -5.37 0.09
N ARG A 9 5.61 -6.18 -0.96
CA ARG A 9 5.20 -5.74 -2.28
C ARG A 9 3.76 -5.26 -2.29
N ARG A 10 2.94 -5.87 -1.45
CA ARG A 10 1.53 -5.51 -1.35
C ARG A 10 1.35 -4.22 -0.55
N ASN A 11 1.98 -4.17 0.63
CA ASN A 11 1.89 -3.01 1.50
C ASN A 11 2.45 -1.77 0.80
N ARG A 12 3.39 -1.98 -0.11
CA ARG A 12 4.01 -0.89 -0.84
C ARG A 12 2.99 -0.19 -1.73
N ARG A 13 2.44 -0.92 -2.69
CA ARG A 13 1.46 -0.37 -3.60
C ARG A 13 0.21 0.08 -2.85
N ARG A 14 -0.14 -0.65 -1.81
CA ARG A 14 -1.32 -0.32 -1.01
C ARG A 14 -1.25 1.11 -0.51
N ARG A 15 -0.04 1.59 -0.26
CA ARG A 15 0.17 2.95 0.23
C ARG A 15 -0.51 3.96 -0.70
N TRP A 16 -0.22 3.87 -1.98
CA TRP A 16 -0.80 4.77 -2.98
C TRP A 16 -2.32 4.72 -2.93
N ARG A 17 -2.86 3.54 -2.61
CA ARG A 17 -4.31 3.36 -2.55
C ARG A 17 -4.89 4.10 -1.34
N GLU A 18 -4.33 3.85 -0.16
CA GLU A 18 -4.80 4.50 1.06
C GLU A 18 -4.63 6.01 0.97
N ARG A 19 -3.62 6.45 0.22
CA ARG A 19 -3.35 7.87 0.06
C ARG A 19 -4.33 8.49 -0.93
N GLN A 20 -4.82 7.69 -1.87
CA GLN A 20 -5.75 8.16 -2.88
C GLN A 20 -7.09 8.54 -2.23
N ARG A 21 -7.39 7.91 -1.11
CA ARG A 21 -8.64 8.18 -0.39
C ARG A 21 -8.82 9.67 -0.16
N ALA A 22 -7.71 10.38 0.06
CA ALA A 22 -7.75 11.81 0.30
C ALA A 22 -8.42 12.54 -0.87
N ALA A 23 -8.07 12.15 -2.09
CA ALA A 23 -8.63 12.76 -3.28
C ALA A 23 -9.96 12.11 -3.66
N ALA A 24 -9.94 10.79 -3.79
CA ALA A 24 -11.15 10.05 -4.15
C ALA A 24 -12.32 10.42 -3.23
N ALA A 25 -12.03 10.49 -1.94
CA ALA A 25 -13.05 10.84 -0.94
C ALA A 25 -12.63 12.04 -0.12
N ARG A 26 -13.39 13.13 -0.24
CA ARG A 26 -13.10 14.35 0.49
C ARG A 26 -13.52 14.23 1.95
#